data_3IQL
#
_entry.id   3IQL
#
_cell.length_a   64.338
_cell.length_b   34.156
_cell.length_c   62.729
_cell.angle_alpha   90.00
_cell.angle_beta   107.79
_cell.angle_gamma   90.00
#
_symmetry.space_group_name_H-M   'C 1 2 1'
#
loop_
_entity.id
_entity.type
_entity.pdbx_description
1 polymer Endophilin-A1
2 non-polymer 'CHLORIDE ION'
3 water water
#
_entity_poly.entity_id   1
_entity_poly.type   'polypeptide(L)'
_entity_poly.pdbx_seq_one_letter_code
;GSRRASVGSDQPCCRALYDFEPENEGELGFKEGDIITLTNQIDENWYEGMLHGQSGFFPINYVEILVALPH
;
_entity_poly.pdbx_strand_id   A,B
#
loop_
_chem_comp.id
_chem_comp.type
_chem_comp.name
_chem_comp.formula
CL non-polymer 'CHLORIDE ION' 'Cl -1'
#
# COMPACT_ATOMS: atom_id res chain seq x y z
N SER A 6 -1.75 11.60 -8.35
CA SER A 6 -2.07 11.02 -7.01
C SER A 6 -2.48 9.55 -7.13
N VAL A 7 -2.33 8.80 -6.04
CA VAL A 7 -2.95 7.47 -6.03
C VAL A 7 -4.46 7.61 -6.14
N GLY A 8 -5.08 6.57 -6.67
CA GLY A 8 -6.50 6.63 -6.90
C GLY A 8 -7.30 6.81 -5.62
N SER A 9 -8.46 7.46 -5.74
CA SER A 9 -9.36 7.62 -4.61
C SER A 9 -9.92 6.27 -4.11
N ASP A 10 -9.75 5.21 -4.90
CA ASP A 10 -10.17 3.85 -4.53
C ASP A 10 -9.09 3.08 -3.76
N GLN A 11 -7.98 3.74 -3.40
CA GLN A 11 -6.95 3.03 -2.63
C GLN A 11 -7.47 2.75 -1.22
N PRO A 12 -7.48 1.49 -0.79
CA PRO A 12 -7.90 1.21 0.61
C PRO A 12 -7.12 2.08 1.62
N CYS A 13 -7.84 2.58 2.61
CA CYS A 13 -7.24 3.47 3.59
C CYS A 13 -8.13 3.60 4.80
N CYS A 14 -7.56 4.18 5.86
CA CYS A 14 -8.28 4.29 7.14
C CYS A 14 -7.78 5.51 7.89
N ARG A 15 -8.61 6.00 8.81
CA ARG A 15 -8.24 7.13 9.65
C ARG A 15 -7.91 6.65 11.06
N ALA A 16 -6.75 7.07 11.57
CA ALA A 16 -6.43 6.75 12.96
C ALA A 16 -7.39 7.46 13.90
N LEU A 17 -8.01 6.73 14.82
CA LEU A 17 -8.87 7.36 15.83
C LEU A 17 -8.14 7.69 17.12
N TYR A 18 -6.93 7.15 17.28
CA TYR A 18 -6.13 7.33 18.50
C TYR A 18 -4.68 7.25 18.07
N ASP A 19 -3.78 7.75 18.93
CA ASP A 19 -2.35 7.52 18.69
C ASP A 19 -2.03 6.04 18.87
N PHE A 20 -1.05 5.58 18.11
CA PHE A 20 -0.52 4.23 18.31
C PHE A 20 1.00 4.33 18.30
N GLU A 21 1.64 4.06 19.43
CA GLU A 21 3.10 4.10 19.45
CA GLU A 21 3.10 4.09 19.52
C GLU A 21 3.64 2.67 19.31
N PRO A 22 4.62 2.50 18.41
CA PRO A 22 5.09 1.14 18.13
C PRO A 22 5.86 0.58 19.32
N GLU A 23 5.58 -0.69 19.64
CA GLU A 23 6.35 -1.32 20.72
CA GLU A 23 6.22 -1.42 20.75
C GLU A 23 7.24 -2.43 20.20
N ASN A 24 7.22 -2.63 18.88
CA ASN A 24 8.21 -3.47 18.16
C ASN A 24 8.49 -2.91 16.76
N GLU A 25 9.58 -3.36 16.14
N GLU A 25 9.58 -3.35 16.13
CA GLU A 25 10.08 -2.76 14.90
CA GLU A 25 10.07 -2.74 14.89
C GLU A 25 9.24 -3.09 13.64
C GLU A 25 9.14 -2.98 13.69
N GLY A 26 8.27 -3.98 13.80
CA GLY A 26 7.33 -4.31 12.72
C GLY A 26 6.05 -3.50 12.74
N GLU A 27 5.82 -2.78 13.85
CA GLU A 27 4.61 -1.98 13.98
C GLU A 27 4.72 -0.62 13.32
N LEU A 28 3.60 -0.16 12.75
CA LEU A 28 3.52 1.16 12.12
C LEU A 28 2.84 2.10 13.10
N GLY A 29 3.59 3.04 13.65
CA GLY A 29 3.01 4.03 14.55
C GLY A 29 2.32 5.14 13.79
N PHE A 30 1.48 5.87 14.52
CA PHE A 30 0.74 6.98 13.96
C PHE A 30 0.09 7.79 15.05
N LYS A 31 -0.39 8.96 14.65
CA LYS A 31 -1.11 9.83 15.57
C LYS A 31 -2.58 9.92 15.17
N GLU A 32 -3.43 10.19 16.15
CA GLU A 32 -4.85 10.44 15.88
C GLU A 32 -5.02 11.39 14.69
N GLY A 33 -5.92 11.01 13.76
CA GLY A 33 -6.23 11.81 12.60
C GLY A 33 -5.43 11.47 11.35
N ASP A 34 -4.32 10.75 11.48
CA ASP A 34 -3.51 10.41 10.32
C ASP A 34 -4.31 9.49 9.38
N ILE A 35 -4.10 9.66 8.08
CA ILE A 35 -4.74 8.79 7.09
C ILE A 35 -3.71 7.76 6.64
N ILE A 36 -3.97 6.50 6.97
CA ILE A 36 -3.06 5.38 6.75
C ILE A 36 -3.48 4.66 5.48
N THR A 37 -2.50 4.36 4.61
CA THR A 37 -2.77 3.55 3.45
C THR A 37 -2.91 2.10 3.89
N LEU A 38 -4.04 1.44 3.57
CA LEU A 38 -4.30 0.07 4.03
CA LEU A 38 -4.28 0.11 4.07
C LEU A 38 -3.80 -0.87 2.99
N THR A 39 -2.98 -1.85 3.38
CA THR A 39 -2.40 -2.79 2.40
C THR A 39 -2.77 -4.25 2.61
N ASN A 40 -3.12 -4.67 3.83
CA ASN A 40 -3.49 -6.05 4.08
CA ASN A 40 -3.40 -6.07 4.11
C ASN A 40 -4.14 -6.22 5.42
N GLN A 41 -4.78 -7.36 5.60
CA GLN A 41 -5.33 -7.73 6.92
C GLN A 41 -4.68 -9.06 7.24
N ILE A 42 -4.00 -9.14 8.38
CA ILE A 42 -3.26 -10.35 8.75
CA ILE A 42 -3.30 -10.40 8.67
C ILE A 42 -4.13 -11.35 9.51
N ASP A 43 -4.95 -10.85 10.40
CA ASP A 43 -5.82 -11.70 11.21
C ASP A 43 -7.00 -10.88 11.72
N GLU A 44 -7.70 -11.37 12.73
CA GLU A 44 -8.90 -10.66 13.16
C GLU A 44 -8.59 -9.40 13.96
N ASN A 45 -7.30 -9.15 14.26
CA ASN A 45 -6.92 -7.99 15.08
C ASN A 45 -5.96 -7.02 14.43
N TRP A 46 -5.23 -7.43 13.39
CA TRP A 46 -4.11 -6.61 12.84
C TRP A 46 -4.25 -6.34 11.36
N TYR A 47 -4.09 -5.06 11.03
CA TYR A 47 -3.88 -4.65 9.64
C TYR A 47 -2.40 -4.45 9.35
N GLU A 48 -2.08 -4.40 8.06
CA GLU A 48 -0.79 -3.89 7.58
C GLU A 48 -1.10 -2.66 6.76
N GLY A 49 -0.20 -1.69 6.79
CA GLY A 49 -0.40 -0.50 5.96
C GLY A 49 0.83 0.36 5.90
N MET A 50 0.66 1.56 5.37
CA MET A 50 1.78 2.48 5.18
C MET A 50 1.39 3.88 5.59
N LEU A 51 2.38 4.62 6.08
CA LEU A 51 2.18 6.03 6.40
C LEU A 51 3.54 6.72 6.24
N HIS A 52 3.55 7.83 5.51
CA HIS A 52 4.78 8.60 5.23
C HIS A 52 5.87 7.68 4.68
N GLY A 53 5.49 6.71 3.86
CA GLY A 53 6.47 5.85 3.20
C GLY A 53 6.84 4.59 3.99
N GLN A 54 6.61 4.58 5.31
CA GLN A 54 6.92 3.40 6.14
C GLN A 54 5.81 2.39 6.09
N SER A 55 6.17 1.13 6.39
CA SER A 55 5.20 0.05 6.42
CA SER A 55 5.20 0.05 6.40
C SER A 55 5.19 -0.64 7.76
N GLY A 56 4.04 -1.18 8.12
CA GLY A 56 4.02 -2.03 9.31
C GLY A 56 2.62 -2.39 9.72
N PHE A 57 2.54 -3.07 10.87
CA PHE A 57 1.30 -3.60 11.40
C PHE A 57 0.71 -2.70 12.46
N PHE A 58 -0.61 -2.71 12.59
CA PHE A 58 -1.27 -1.88 13.58
C PHE A 58 -2.66 -2.48 13.86
N PRO A 59 -3.27 -2.09 14.99
CA PRO A 59 -4.54 -2.73 15.34
C PRO A 59 -5.73 -2.24 14.54
N ILE A 60 -6.56 -3.18 14.08
CA ILE A 60 -7.81 -2.87 13.44
C ILE A 60 -8.66 -1.95 14.30
N ASN A 61 -8.65 -2.17 15.61
CA ASN A 61 -9.50 -1.43 16.54
CA ASN A 61 -9.56 -1.40 16.45
C ASN A 61 -9.08 0.02 16.72
N TYR A 62 -7.91 0.39 16.18
CA TYR A 62 -7.44 1.77 16.35
C TYR A 62 -7.85 2.72 15.22
N VAL A 63 -8.52 2.19 14.19
CA VAL A 63 -8.79 2.98 12.98
C VAL A 63 -10.23 2.89 12.53
N GLU A 64 -10.60 3.88 11.71
CA GLU A 64 -11.88 3.83 11.04
CA GLU A 64 -11.88 3.94 11.04
C GLU A 64 -11.65 3.65 9.54
N ILE A 65 -12.25 2.60 8.99
CA ILE A 65 -12.08 2.35 7.56
CA ILE A 65 -12.11 2.33 7.56
C ILE A 65 -12.73 3.47 6.74
N LEU A 66 -11.99 3.94 5.73
CA LEU A 66 -12.52 4.93 4.78
C LEU A 66 -12.81 4.23 3.47
N VAL A 67 -11.86 3.43 2.99
CA VAL A 67 -12.05 2.58 1.82
C VAL A 67 -11.55 1.20 2.21
N ALA A 68 -12.43 0.21 2.14
CA ALA A 68 -12.11 -1.13 2.62
C ALA A 68 -11.25 -1.91 1.61
N LEU A 69 -10.43 -2.82 2.13
CA LEU A 69 -9.79 -3.84 1.31
C LEU A 69 -10.86 -4.73 0.67
N PRO A 70 -10.52 -5.40 -0.46
CA PRO A 70 -11.48 -6.32 -1.07
C PRO A 70 -11.94 -7.38 -0.09
N HIS A 71 -13.17 -7.86 -0.27
CA HIS A 71 -13.67 -8.98 0.55
C HIS A 71 -14.21 -10.05 -0.38
N ALA B 5 -11.53 11.21 3.45
CA ALA B 5 -10.17 11.82 3.39
C ALA B 5 -9.29 10.98 2.50
N SER B 6 -8.30 11.63 1.87
CA SER B 6 -7.41 11.00 0.89
C SER B 6 -6.13 10.48 1.55
N VAL B 7 -5.51 9.48 0.94
CA VAL B 7 -4.18 9.05 1.40
CA VAL B 7 -4.18 9.03 1.34
C VAL B 7 -3.21 10.20 1.17
N GLY B 8 -2.19 10.28 1.99
CA GLY B 8 -1.26 11.39 1.89
C GLY B 8 -0.57 11.47 0.54
N SER B 9 -0.21 12.68 0.12
CA SER B 9 0.53 12.88 -1.12
C SER B 9 1.95 12.28 -1.08
N ASP B 10 2.41 11.92 0.12
CA ASP B 10 3.69 11.24 0.31
C ASP B 10 3.60 9.72 0.20
N GLN B 11 2.45 9.17 -0.19
CA GLN B 11 2.38 7.72 -0.34
C GLN B 11 3.22 7.32 -1.57
N PRO B 12 4.18 6.40 -1.38
CA PRO B 12 4.90 5.90 -2.56
C PRO B 12 3.97 5.42 -3.66
N CYS B 13 4.33 5.75 -4.90
CA CYS B 13 3.49 5.39 -6.04
C CYS B 13 4.27 5.56 -7.32
N CYS B 14 3.69 5.02 -8.39
CA CYS B 14 4.35 5.01 -9.67
C CYS B 14 3.32 5.03 -10.79
N ARG B 15 3.73 5.46 -11.98
CA ARG B 15 2.86 5.48 -13.14
C ARG B 15 3.24 4.36 -14.09
N ALA B 16 2.26 3.56 -14.51
CA ALA B 16 2.51 2.54 -15.53
C ALA B 16 2.85 3.19 -16.87
N LEU B 17 3.97 2.79 -17.45
CA LEU B 17 4.36 3.29 -18.78
C LEU B 17 3.86 2.41 -19.92
N TYR B 18 3.44 1.20 -19.58
CA TYR B 18 2.97 0.20 -20.57
C TYR B 18 1.93 -0.65 -19.88
N ASP B 19 1.10 -1.35 -20.68
CA ASP B 19 0.20 -2.35 -20.09
C ASP B 19 1.04 -3.51 -19.50
N PHE B 20 0.51 -4.14 -18.46
CA PHE B 20 1.13 -5.36 -17.94
C PHE B 20 -0.01 -6.32 -17.64
N GLU B 21 -0.09 -7.40 -18.39
CA GLU B 21 -1.18 -8.34 -18.16
C GLU B 21 -0.67 -9.41 -17.22
N PRO B 22 -1.45 -9.77 -16.19
N PRO B 22 -1.47 -9.70 -16.19
CA PRO B 22 -0.93 -10.68 -15.16
CA PRO B 22 -1.11 -10.77 -15.30
C PRO B 22 -1.10 -12.17 -15.48
C PRO B 22 -1.24 -12.04 -16.10
N GLU B 23 -0.14 -12.74 -16.21
CA GLU B 23 -0.28 -14.08 -16.76
CA GLU B 23 -0.21 -14.07 -16.79
C GLU B 23 0.18 -15.11 -15.75
N ASN B 24 0.75 -14.66 -14.64
CA ASN B 24 1.20 -15.56 -13.61
C ASN B 24 0.61 -15.21 -12.25
N GLU B 25 0.48 -16.23 -11.41
N GLU B 25 0.42 -16.23 -11.42
CA GLU B 25 -0.12 -16.09 -10.08
CA GLU B 25 -0.24 -16.03 -10.13
C GLU B 25 0.60 -15.02 -9.27
C GLU B 25 0.55 -15.08 -9.23
N GLY B 26 -0.17 -14.17 -8.59
CA GLY B 26 0.43 -13.16 -7.72
C GLY B 26 0.75 -11.81 -8.34
N GLU B 27 0.62 -11.72 -9.66
CA GLU B 27 0.94 -10.48 -10.39
C GLU B 27 -0.20 -9.50 -10.32
N LEU B 28 0.16 -8.21 -10.26
CA LEU B 28 -0.78 -7.12 -10.35
C LEU B 28 -0.76 -6.55 -11.77
N GLY B 29 -1.88 -6.69 -12.46
CA GLY B 29 -2.00 -6.17 -13.82
C GLY B 29 -2.39 -4.71 -13.80
N PHE B 30 -2.16 -4.05 -14.93
CA PHE B 30 -2.50 -2.66 -15.09
C PHE B 30 -2.39 -2.25 -16.54
N LYS B 31 -2.93 -1.06 -16.80
CA LYS B 31 -2.83 -0.45 -18.13
C LYS B 31 -1.92 0.77 -18.10
N GLU B 32 -1.32 1.06 -19.25
CA GLU B 32 -0.54 2.30 -19.38
C GLU B 32 -1.33 3.49 -18.81
N GLY B 33 -0.63 4.31 -18.03
CA GLY B 33 -1.20 5.51 -17.42
C GLY B 33 -1.76 5.33 -16.01
N ASP B 34 -2.00 4.07 -15.60
CA ASP B 34 -2.53 3.82 -14.26
C ASP B 34 -1.53 4.27 -13.22
N ILE B 35 -2.05 4.83 -12.12
CA ILE B 35 -1.22 5.19 -10.99
CA ILE B 35 -1.22 5.20 -10.98
C ILE B 35 -1.33 4.10 -9.91
N ILE B 36 -0.22 3.40 -9.72
CA ILE B 36 -0.14 2.25 -8.84
CA ILE B 36 -0.10 2.25 -8.84
C ILE B 36 0.40 2.69 -7.48
N THR B 37 -0.26 2.23 -6.42
CA THR B 37 0.26 2.45 -5.06
C THR B 37 1.45 1.52 -4.86
N LEU B 38 2.61 2.08 -4.50
CA LEU B 38 3.79 1.26 -4.38
C LEU B 38 3.93 0.82 -2.92
N THR B 39 4.13 -0.48 -2.69
CA THR B 39 4.18 -0.96 -1.29
C THR B 39 5.52 -1.64 -0.90
N ASN B 40 6.29 -2.12 -1.86
CA ASN B 40 7.53 -2.84 -1.54
C ASN B 40 8.37 -3.02 -2.78
N GLN B 41 9.67 -3.23 -2.58
CA GLN B 41 10.52 -3.71 -3.63
C GLN B 41 11.02 -5.08 -3.24
N ILE B 42 10.74 -6.07 -4.07
CA ILE B 42 11.09 -7.47 -3.74
C ILE B 42 12.56 -7.75 -4.01
N ASP B 43 13.02 -7.35 -5.18
CA ASP B 43 14.37 -7.65 -5.62
C ASP B 43 14.75 -6.64 -6.67
N GLU B 44 15.74 -7.00 -7.49
CA GLU B 44 16.28 -6.15 -8.54
CA GLU B 44 16.23 -6.05 -8.49
C GLU B 44 15.29 -5.92 -9.69
N ASN B 45 14.25 -6.76 -9.74
CA ASN B 45 13.35 -6.78 -10.90
C ASN B 45 11.88 -6.49 -10.64
N TRP B 46 11.42 -6.69 -9.41
CA TRP B 46 9.99 -6.67 -9.10
C TRP B 46 9.63 -5.75 -7.94
N TYR B 47 8.56 -4.97 -8.14
CA TYR B 47 7.87 -4.27 -7.06
C TYR B 47 6.63 -5.02 -6.64
N GLU B 48 6.14 -4.66 -5.47
CA GLU B 48 4.76 -4.99 -5.11
CA GLU B 48 4.79 -5.00 -5.02
C GLU B 48 3.99 -3.69 -4.94
N GLY B 49 2.69 -3.77 -5.19
CA GLY B 49 1.87 -2.59 -5.08
C GLY B 49 0.41 -2.92 -5.09
N MET B 50 -0.41 -1.86 -5.24
CA MET B 50 -1.85 -2.01 -5.24
C MET B 50 -2.46 -1.13 -6.30
N LEU B 51 -3.57 -1.60 -6.88
CA LEU B 51 -4.32 -0.81 -7.81
C LEU B 51 -5.80 -1.27 -7.71
N HIS B 52 -6.71 -0.30 -7.59
CA HIS B 52 -8.15 -0.60 -7.46
C HIS B 52 -8.39 -1.62 -6.37
N GLY B 53 -7.60 -1.56 -5.29
CA GLY B 53 -7.82 -2.44 -4.15
C GLY B 53 -7.07 -3.78 -4.19
N GLN B 54 -6.64 -4.19 -5.38
CA GLN B 54 -5.92 -5.47 -5.53
C GLN B 54 -4.44 -5.27 -5.27
N SER B 55 -3.79 -6.36 -4.90
CA SER B 55 -2.36 -6.37 -4.61
C SER B 55 -1.62 -7.35 -5.47
N GLY B 56 -0.35 -7.05 -5.73
CA GLY B 56 0.48 -8.06 -6.38
C GLY B 56 1.79 -7.47 -6.84
N PHE B 57 2.54 -8.30 -7.55
CA PHE B 57 3.87 -7.89 -7.99
CA PHE B 57 3.91 -8.01 -8.01
C PHE B 57 3.90 -7.56 -9.47
N PHE B 58 4.88 -6.74 -9.86
CA PHE B 58 4.97 -6.28 -11.25
C PHE B 58 6.38 -5.77 -11.52
N PRO B 59 6.75 -5.64 -12.79
CA PRO B 59 8.14 -5.31 -13.08
C PRO B 59 8.49 -3.86 -12.81
N ILE B 60 9.64 -3.65 -12.15
CA ILE B 60 10.21 -2.32 -11.97
C ILE B 60 10.34 -1.56 -13.29
N ASN B 61 10.74 -2.26 -14.36
CA ASN B 61 11.00 -1.54 -15.59
CA ASN B 61 10.99 -1.66 -15.66
C ASN B 61 9.75 -1.15 -16.36
N TYR B 62 8.56 -1.52 -15.84
CA TYR B 62 7.31 -1.13 -16.50
C TYR B 62 6.72 0.19 -16.01
N VAL B 63 7.37 0.80 -15.01
CA VAL B 63 6.76 1.97 -14.32
C VAL B 63 7.75 3.10 -14.17
N GLU B 64 7.18 4.29 -13.97
CA GLU B 64 7.97 5.46 -13.60
C GLU B 64 7.64 5.83 -12.16
N ILE B 65 8.65 5.90 -11.32
CA ILE B 65 8.46 6.31 -9.92
CA ILE B 65 8.43 6.28 -9.93
C ILE B 65 7.96 7.74 -9.84
N LEU B 66 6.91 7.97 -9.06
CA LEU B 66 6.43 9.33 -8.78
C LEU B 66 6.86 9.74 -7.37
N VAL B 67 6.63 8.85 -6.41
CA VAL B 67 7.10 9.01 -5.02
C VAL B 67 7.78 7.71 -4.65
N ALA B 68 9.08 7.76 -4.34
CA ALA B 68 9.87 6.57 -4.09
C ALA B 68 9.59 5.99 -2.71
N LEU B 69 9.78 4.67 -2.60
CA LEU B 69 9.86 4.01 -1.29
C LEU B 69 11.08 4.53 -0.55
N PRO B 70 11.09 4.36 0.79
CA PRO B 70 12.27 4.79 1.55
C PRO B 70 13.50 4.06 1.04
N HIS B 71 14.66 4.69 1.17
CA HIS B 71 15.93 4.10 0.79
C HIS B 71 16.89 4.26 1.96
CL CL C . -19.38 -5.02 -2.43
CL CL D . 16.60 11.66 0.62
#